data_1BRY
#
_entry.id   1BRY
#
_cell.length_a   65.720
_cell.length_b   77.563
_cell.length_c   115.601
_cell.angle_alpha   90.00
_cell.angle_beta   90.00
_cell.angle_gamma   90.00
#
_symmetry.space_group_name_H-M   'P 21 21 21'
#
_entity_poly.entity_id   1
_entity_poly.type   'polypeptide(L)'
_entity_poly.pdbx_seq_one_letter_code
;MDVSFRLSGATTTSYGVFIKNLREALPYERKVYNIPLLRSSISGSGRYTLLHLTNYADETISVAVDVTNVYIMGYLAGDV
SYFFNEASATEAAKFVFKDAKKKVTLPYSGNYERLQTAAGKIRENIPLGLPALDSAITTLYYYTASSAASALLVLIQSTA
ESARYKFIEQQIGKRVDKTFLPSLATISLENNWSALSKQIQIASTNNGQFESPVVLIDGNNQRVSITNASARVVTSNIAL
LLNRNNIA
;
_entity_poly.pdbx_strand_id   Y,Z
#
# COMPACT_ATOMS: atom_id res chain seq x y z
N ASP A 2 -8.98 -11.59 -16.62
CA ASP A 2 -7.71 -12.15 -16.17
C ASP A 2 -7.30 -13.34 -17.03
N VAL A 3 -6.02 -13.66 -17.05
CA VAL A 3 -5.54 -14.79 -17.82
C VAL A 3 -4.57 -15.56 -16.93
N SER A 4 -4.46 -16.87 -17.16
CA SER A 4 -3.58 -17.72 -16.36
C SER A 4 -2.63 -18.54 -17.20
N PHE A 5 -1.51 -18.93 -16.59
CA PHE A 5 -0.55 -19.82 -17.22
C PHE A 5 0.03 -20.69 -16.11
N ARG A 6 0.01 -22.00 -16.32
CA ARG A 6 0.54 -22.95 -15.35
C ARG A 6 1.77 -23.65 -15.94
N LEU A 7 2.86 -23.66 -15.18
CA LEU A 7 4.09 -24.29 -15.65
C LEU A 7 4.02 -25.81 -15.58
N SER A 8 3.32 -26.36 -14.59
CA SER A 8 3.20 -27.82 -14.49
C SER A 8 2.33 -28.32 -15.65
N GLY A 9 2.95 -29.12 -16.51
CA GLY A 9 2.26 -29.67 -17.67
C GLY A 9 2.36 -28.74 -18.86
N ALA A 10 3.15 -27.68 -18.73
CA ALA A 10 3.29 -26.71 -19.81
C ALA A 10 3.90 -27.30 -21.07
N THR A 11 3.40 -26.83 -22.21
CA THR A 11 3.87 -27.28 -23.52
C THR A 11 4.00 -26.08 -24.45
N THR A 12 4.59 -26.30 -25.62
CA THR A 12 4.71 -25.24 -26.61
C THR A 12 3.30 -24.72 -26.94
N THR A 13 2.35 -25.65 -27.07
CA THR A 13 0.98 -25.27 -27.38
C THR A 13 0.33 -24.48 -26.25
N SER A 14 0.48 -24.91 -25.00
CA SER A 14 -0.15 -24.17 -23.90
C SER A 14 0.44 -22.77 -23.73
N TYR A 15 1.74 -22.61 -23.99
CA TYR A 15 2.33 -21.29 -23.89
C TYR A 15 1.70 -20.39 -24.98
N GLY A 16 1.53 -20.92 -26.18
CA GLY A 16 0.90 -20.16 -27.24
C GLY A 16 -0.52 -19.73 -26.88
N VAL A 17 -1.27 -20.64 -26.26
CA VAL A 17 -2.65 -20.36 -25.83
C VAL A 17 -2.64 -19.25 -24.77
N PHE A 18 -1.70 -19.30 -23.84
CA PHE A 18 -1.56 -18.26 -22.82
C PHE A 18 -1.34 -16.88 -23.48
N ILE A 19 -0.40 -16.81 -24.43
CA ILE A 19 -0.10 -15.55 -25.09
C ILE A 19 -1.30 -15.05 -25.91
N LYS A 20 -2.02 -15.97 -26.57
CA LYS A 20 -3.23 -15.59 -27.31
C LYS A 20 -4.29 -15.04 -26.33
N ASN A 21 -4.48 -15.70 -25.19
CA ASN A 21 -5.44 -15.24 -24.18
C ASN A 21 -5.04 -13.84 -23.68
N LEU A 22 -3.73 -13.65 -23.47
CA LEU A 22 -3.21 -12.37 -22.98
C LEU A 22 -3.55 -11.28 -24.00
N ARG A 23 -3.17 -11.48 -25.26
CA ARG A 23 -3.45 -10.49 -26.31
C ARG A 23 -4.94 -10.18 -26.35
N GLU A 24 -5.78 -11.23 -26.31
CA GLU A 24 -7.23 -11.05 -26.40
C GLU A 24 -7.87 -10.45 -25.17
N ALA A 25 -7.10 -10.34 -24.08
CA ALA A 25 -7.60 -9.72 -22.85
C ALA A 25 -7.45 -8.20 -22.94
N LEU A 26 -6.68 -7.73 -23.93
CA LEU A 26 -6.44 -6.29 -24.10
C LEU A 26 -7.45 -5.63 -25.03
N PRO A 27 -8.03 -4.50 -24.63
CA PRO A 27 -9.00 -3.86 -25.52
C PRO A 27 -8.26 -3.08 -26.61
N TYR A 28 -8.87 -2.98 -27.78
CA TYR A 28 -8.20 -2.21 -28.83
C TYR A 28 -9.16 -1.27 -29.53
N GLU A 29 -8.61 -0.17 -30.04
CA GLU A 29 -9.42 0.83 -30.73
C GLU A 29 -9.91 0.30 -32.08
N ARG A 30 -9.00 -0.34 -32.81
CA ARG A 30 -9.24 -0.89 -34.14
C ARG A 30 -7.97 -1.63 -34.53
N LYS A 31 -7.87 -2.06 -35.79
CA LYS A 31 -6.70 -2.75 -36.29
C LYS A 31 -6.05 -1.94 -37.38
N VAL A 32 -4.71 -1.90 -37.40
CA VAL A 32 -3.95 -1.19 -38.42
C VAL A 32 -3.12 -2.26 -39.09
N TYR A 33 -3.36 -2.48 -40.39
CA TYR A 33 -2.67 -3.51 -41.16
C TYR A 33 -2.98 -4.85 -40.49
N ASN A 34 -4.19 -4.94 -39.94
CA ASN A 34 -4.68 -6.12 -39.26
C ASN A 34 -3.98 -6.42 -37.93
N ILE A 35 -3.34 -5.42 -37.35
CA ILE A 35 -2.66 -5.56 -36.07
C ILE A 35 -3.47 -4.73 -35.06
N PRO A 36 -3.87 -5.33 -33.91
CA PRO A 36 -4.65 -4.57 -32.91
C PRO A 36 -3.90 -3.33 -32.42
N LEU A 37 -4.61 -2.21 -32.41
CA LEU A 37 -4.07 -0.94 -31.95
C LEU A 37 -4.57 -0.75 -30.51
N LEU A 38 -3.65 -0.74 -29.56
CA LEU A 38 -4.04 -0.57 -28.16
C LEU A 38 -4.67 0.80 -27.91
N ARG A 39 -5.47 0.88 -26.86
CA ARG A 39 -6.15 2.12 -26.50
C ARG A 39 -5.23 3.28 -26.06
N SER A 40 -5.65 4.52 -26.37
CA SER A 40 -4.87 5.72 -26.00
C SER A 40 -4.90 5.85 -24.49
N SER A 41 -6.07 5.68 -23.89
CA SER A 41 -6.20 5.77 -22.43
C SER A 41 -7.49 5.09 -21.96
N ILE A 42 -7.48 4.63 -20.71
CA ILE A 42 -8.63 3.96 -20.12
C ILE A 42 -8.77 4.43 -18.68
N SER A 43 -10.02 4.51 -18.23
CA SER A 43 -10.35 4.96 -16.88
C SER A 43 -10.16 3.99 -15.72
N GLY A 44 -9.51 4.49 -14.68
CA GLY A 44 -9.27 3.73 -13.46
C GLY A 44 -8.89 2.27 -13.52
N SER A 45 -9.74 1.43 -12.91
CA SER A 45 -9.54 -0.03 -12.83
C SER A 45 -9.44 -0.72 -14.17
N GLY A 46 -10.25 -0.27 -15.13
CA GLY A 46 -10.25 -0.87 -16.45
C GLY A 46 -8.92 -0.82 -17.18
N ARG A 47 -8.03 0.03 -16.72
CA ARG A 47 -6.71 0.17 -17.31
C ARG A 47 -5.83 -1.04 -17.02
N TYR A 48 -6.17 -1.84 -16.00
CA TYR A 48 -5.32 -2.97 -15.62
C TYR A 48 -5.96 -4.33 -15.72
N THR A 49 -5.12 -5.33 -15.96
CA THR A 49 -5.59 -6.72 -15.99
C THR A 49 -4.58 -7.59 -15.24
N LEU A 50 -4.99 -8.78 -14.81
CA LEU A 50 -4.09 -9.65 -14.06
C LEU A 50 -3.76 -10.94 -14.78
N LEU A 51 -2.50 -11.35 -14.62
CA LEU A 51 -2.03 -12.62 -15.18
C LEU A 51 -1.69 -13.48 -13.96
N HIS A 52 -2.30 -14.65 -13.84
CA HIS A 52 -2.02 -15.53 -12.70
C HIS A 52 -1.08 -16.60 -13.20
N LEU A 53 0.16 -16.56 -12.69
CA LEU A 53 1.22 -17.47 -13.12
C LEU A 53 1.59 -18.44 -12.00
N THR A 54 1.52 -19.73 -12.31
CA THR A 54 1.79 -20.78 -11.32
C THR A 54 3.01 -21.62 -11.68
N ASN A 55 3.94 -21.77 -10.74
CA ASN A 55 5.15 -22.53 -11.01
C ASN A 55 4.88 -24.05 -10.87
N TYR A 56 5.90 -24.87 -11.11
CA TYR A 56 5.76 -26.32 -11.06
C TYR A 56 5.30 -26.77 -9.67
N ALA A 57 5.73 -26.04 -8.65
CA ALA A 57 5.38 -26.35 -7.27
C ALA A 57 3.98 -25.87 -6.86
N ASP A 58 3.19 -25.37 -7.82
CA ASP A 58 1.82 -24.91 -7.55
C ASP A 58 1.75 -23.63 -6.69
N GLU A 59 2.76 -22.76 -6.83
CA GLU A 59 2.80 -21.49 -6.12
C GLU A 59 2.47 -20.44 -7.19
N THR A 60 1.58 -19.52 -6.87
CA THR A 60 1.12 -18.54 -7.85
C THR A 60 1.38 -17.09 -7.51
N ILE A 61 1.75 -16.31 -8.54
CA ILE A 61 1.87 -14.87 -8.39
C ILE A 61 0.87 -14.27 -9.36
N SER A 62 0.28 -13.13 -8.98
CA SER A 62 -0.65 -12.42 -9.86
C SER A 62 0.10 -11.16 -10.29
N VAL A 63 0.21 -10.97 -11.59
CA VAL A 63 0.94 -9.85 -12.18
C VAL A 63 -0.02 -8.80 -12.74
N ALA A 64 0.17 -7.55 -12.36
CA ALA A 64 -0.69 -6.47 -12.83
C ALA A 64 -0.08 -5.82 -14.07
N VAL A 65 -0.90 -5.74 -15.12
CA VAL A 65 -0.45 -5.20 -16.39
C VAL A 65 -1.35 -4.06 -16.85
N ASP A 66 -0.75 -2.97 -17.33
CA ASP A 66 -1.50 -1.84 -17.88
C ASP A 66 -1.89 -2.30 -19.31
N VAL A 67 -3.18 -2.35 -19.61
CA VAL A 67 -3.64 -2.84 -20.92
C VAL A 67 -3.41 -1.90 -22.11
N THR A 68 -3.01 -0.65 -21.85
CA THR A 68 -2.77 0.29 -22.94
C THR A 68 -1.35 0.18 -23.49
N ASN A 69 -0.44 -0.42 -22.72
CA ASN A 69 0.94 -0.50 -23.17
C ASN A 69 1.63 -1.81 -22.83
N VAL A 70 0.90 -2.71 -22.18
CA VAL A 70 1.41 -4.03 -21.75
C VAL A 70 2.57 -3.91 -20.75
N TYR A 71 2.67 -2.77 -20.08
CA TYR A 71 3.72 -2.60 -19.07
C TYR A 71 3.29 -3.27 -17.78
N ILE A 72 4.20 -4.00 -17.14
CA ILE A 72 3.91 -4.66 -15.87
C ILE A 72 4.11 -3.62 -14.75
N MET A 73 3.09 -3.49 -13.91
CA MET A 73 3.11 -2.55 -12.80
C MET A 73 3.68 -3.12 -11.49
N GLY A 74 3.37 -4.38 -11.25
CA GLY A 74 3.82 -5.04 -10.04
C GLY A 74 3.18 -6.41 -9.97
N TYR A 75 3.32 -7.06 -8.84
CA TYR A 75 2.74 -8.38 -8.67
C TYR A 75 2.38 -8.64 -7.21
N LEU A 76 1.57 -9.67 -7.01
CA LEU A 76 1.11 -10.09 -5.69
C LEU A 76 1.53 -11.54 -5.46
N ALA A 77 2.09 -11.79 -4.26
CA ALA A 77 2.51 -13.13 -3.81
C ALA A 77 1.84 -13.30 -2.45
N GLY A 78 0.74 -14.05 -2.42
CA GLY A 78 0.04 -14.27 -1.17
C GLY A 78 -0.56 -12.95 -0.74
N ASP A 79 -0.13 -12.43 0.41
CA ASP A 79 -0.69 -11.15 0.83
C ASP A 79 0.31 -10.01 0.83
N VAL A 80 1.38 -10.17 0.05
CA VAL A 80 2.38 -9.12 -0.07
C VAL A 80 2.39 -8.67 -1.54
N SER A 81 2.23 -7.37 -1.77
CA SER A 81 2.26 -6.85 -3.13
C SER A 81 3.62 -6.16 -3.34
N TYR A 82 4.05 -6.07 -4.60
CA TYR A 82 5.32 -5.46 -4.97
C TYR A 82 5.09 -4.61 -6.20
N PHE A 83 5.38 -3.31 -6.12
CA PHE A 83 5.19 -2.40 -7.25
C PHE A 83 6.51 -1.70 -7.62
N PHE A 84 6.74 -1.51 -8.91
CA PHE A 84 7.92 -0.81 -9.38
C PHE A 84 7.96 0.59 -8.80
N ASN A 85 9.16 1.11 -8.64
CA ASN A 85 9.39 2.45 -8.09
C ASN A 85 9.28 3.49 -9.23
N GLU A 86 8.05 3.78 -9.64
CA GLU A 86 7.80 4.75 -10.70
C GLU A 86 6.35 5.19 -10.66
N ALA A 87 6.09 6.38 -11.23
CA ALA A 87 4.78 6.99 -11.25
C ALA A 87 3.62 6.11 -11.72
N SER A 88 3.81 5.42 -12.83
CA SER A 88 2.77 4.55 -13.37
C SER A 88 2.36 3.48 -12.38
N ALA A 89 3.36 2.87 -11.72
CA ALA A 89 3.12 1.80 -10.76
C ALA A 89 2.46 2.31 -9.50
N THR A 90 2.89 3.49 -9.04
CA THR A 90 2.31 4.11 -7.86
C THR A 90 0.82 4.39 -8.10
N GLU A 91 0.47 4.77 -9.33
CA GLU A 91 -0.92 5.04 -9.68
C GLU A 91 -1.69 3.72 -9.71
N ALA A 92 -1.09 2.69 -10.29
CA ALA A 92 -1.72 1.38 -10.36
C ALA A 92 -2.05 0.83 -8.97
N ALA A 93 -1.17 1.10 -8.01
CA ALA A 93 -1.36 0.63 -6.63
C ALA A 93 -2.64 1.19 -5.98
N LYS A 94 -3.18 2.27 -6.53
CA LYS A 94 -4.41 2.83 -5.98
C LYS A 94 -5.59 1.97 -6.40
N PHE A 95 -5.39 1.16 -7.44
CA PHE A 95 -6.46 0.32 -7.99
C PHE A 95 -6.30 -1.18 -7.92
N VAL A 96 -5.06 -1.67 -7.81
CA VAL A 96 -4.81 -3.11 -7.80
C VAL A 96 -4.17 -3.60 -6.51
N PHE A 97 -4.54 -4.82 -6.10
CA PHE A 97 -4.01 -5.46 -4.88
C PHE A 97 -4.27 -4.55 -3.66
N LYS A 98 -5.40 -3.87 -3.65
CA LYS A 98 -5.74 -2.95 -2.58
C LYS A 98 -5.78 -3.50 -1.17
N ASP A 99 -6.09 -4.77 -1.04
CA ASP A 99 -6.16 -5.40 0.27
C ASP A 99 -4.94 -6.21 0.73
N ALA A 100 -3.83 -6.09 0.00
CA ALA A 100 -2.62 -6.79 0.39
C ALA A 100 -2.29 -6.31 1.81
N LYS A 101 -1.78 -7.22 2.64
CA LYS A 101 -1.44 -6.86 4.02
C LYS A 101 -0.09 -6.17 4.19
N LYS A 102 0.75 -6.29 3.18
CA LYS A 102 2.07 -5.66 3.17
C LYS A 102 2.26 -5.20 1.73
N LYS A 103 2.69 -3.95 1.55
CA LYS A 103 2.88 -3.36 0.23
C LYS A 103 4.32 -2.87 0.10
N VAL A 104 5.08 -3.58 -0.72
CA VAL A 104 6.51 -3.30 -0.94
C VAL A 104 6.74 -2.52 -2.23
N THR A 105 7.57 -1.48 -2.15
CA THR A 105 7.95 -0.71 -3.33
C THR A 105 9.32 -1.24 -3.74
N LEU A 106 9.43 -1.81 -4.94
CA LEU A 106 10.69 -2.34 -5.42
C LEU A 106 11.72 -1.23 -5.50
N PRO A 107 13.02 -1.58 -5.39
CA PRO A 107 14.05 -0.53 -5.45
C PRO A 107 14.47 -0.11 -6.84
N TYR A 108 13.58 -0.25 -7.82
CA TYR A 108 13.86 0.14 -9.21
C TYR A 108 12.55 0.23 -9.98
N SER A 109 12.58 0.94 -11.10
CA SER A 109 11.42 1.07 -11.97
C SER A 109 11.45 -0.17 -12.88
N GLY A 110 10.47 -0.26 -13.78
CA GLY A 110 10.41 -1.37 -14.72
C GLY A 110 11.19 -1.15 -16.00
N ASN A 111 11.95 -0.06 -16.06
CA ASN A 111 12.74 0.28 -17.24
C ASN A 111 13.83 -0.77 -17.45
N TYR A 112 14.01 -1.24 -18.69
CA TYR A 112 15.02 -2.28 -18.98
C TYR A 112 16.41 -1.93 -18.47
N GLU A 113 16.84 -0.69 -18.69
CA GLU A 113 18.17 -0.30 -18.24
C GLU A 113 18.28 -0.30 -16.72
N ARG A 114 17.24 0.19 -16.05
CA ARG A 114 17.23 0.18 -14.59
C ARG A 114 17.27 -1.27 -14.06
N LEU A 115 16.48 -2.15 -14.67
CA LEU A 115 16.44 -3.57 -14.25
C LEU A 115 17.77 -4.28 -14.50
N GLN A 116 18.37 -4.04 -15.67
CA GLN A 116 19.65 -4.66 -16.00
C GLN A 116 20.72 -4.20 -15.02
N THR A 117 20.73 -2.91 -14.68
CA THR A 117 21.71 -2.41 -13.74
C THR A 117 21.49 -3.07 -12.38
N ALA A 118 20.24 -3.22 -11.97
CA ALA A 118 19.95 -3.88 -10.70
C ALA A 118 20.33 -5.37 -10.72
N ALA A 119 20.10 -6.03 -11.86
CA ALA A 119 20.42 -7.44 -12.01
C ALA A 119 21.90 -7.71 -12.15
N GLY A 120 22.65 -6.72 -12.61
CA GLY A 120 24.08 -6.90 -12.84
C GLY A 120 24.35 -7.70 -14.12
N LYS A 121 23.32 -7.84 -14.95
CA LYS A 121 23.41 -8.59 -16.21
C LYS A 121 22.51 -7.94 -17.25
N ILE A 122 22.89 -8.02 -18.53
CA ILE A 122 22.05 -7.47 -19.59
C ILE A 122 21.23 -8.64 -20.16
N ARG A 123 20.12 -8.31 -20.81
CA ARG A 123 19.21 -9.31 -21.39
C ARG A 123 19.90 -10.40 -22.21
N GLU A 124 20.96 -10.03 -22.93
CA GLU A 124 21.72 -10.98 -23.75
C GLU A 124 22.22 -12.18 -22.95
N ASN A 125 22.41 -11.99 -21.65
CA ASN A 125 22.95 -13.03 -20.78
C ASN A 125 22.01 -13.59 -19.72
N ILE A 126 20.72 -13.33 -19.89
CA ILE A 126 19.70 -13.83 -18.96
C ILE A 126 18.89 -14.88 -19.72
N PRO A 127 18.99 -16.16 -19.32
CA PRO A 127 18.23 -17.21 -20.03
C PRO A 127 16.70 -17.06 -19.96
N LEU A 128 16.06 -17.44 -21.06
CA LEU A 128 14.61 -17.43 -21.20
C LEU A 128 14.19 -18.87 -21.53
N GLY A 129 12.89 -19.09 -21.67
CA GLY A 129 12.39 -20.43 -21.93
C GLY A 129 11.48 -20.74 -20.75
N LEU A 130 10.63 -21.76 -20.89
CA LEU A 130 9.70 -22.08 -19.80
C LEU A 130 10.32 -22.36 -18.44
N PRO A 131 11.43 -23.15 -18.39
CA PRO A 131 12.03 -23.40 -17.07
C PRO A 131 12.52 -22.09 -16.42
N ALA A 132 12.93 -21.14 -17.26
CA ALA A 132 13.39 -19.84 -16.75
C ALA A 132 12.21 -19.08 -16.14
N LEU A 133 11.06 -19.12 -16.81
CA LEU A 133 9.86 -18.45 -16.30
C LEU A 133 9.46 -19.09 -14.97
N ASP A 134 9.55 -20.41 -14.86
CA ASP A 134 9.24 -21.06 -13.60
C ASP A 134 10.17 -20.57 -12.46
N SER A 135 11.47 -20.47 -12.74
CA SER A 135 12.46 -20.02 -11.76
C SER A 135 12.15 -18.60 -11.34
N ALA A 136 11.81 -17.78 -12.32
CA ALA A 136 11.48 -16.37 -12.06
C ALA A 136 10.27 -16.28 -11.14
N ILE A 137 9.22 -17.06 -11.43
CA ILE A 137 8.03 -17.04 -10.58
C ILE A 137 8.37 -17.41 -9.14
N THR A 138 9.19 -18.43 -8.98
CA THR A 138 9.57 -18.86 -7.63
C THR A 138 10.34 -17.78 -6.89
N THR A 139 11.27 -17.15 -7.60
CA THR A 139 12.09 -16.07 -7.04
C THR A 139 11.20 -14.89 -6.59
N LEU A 140 10.22 -14.55 -7.42
CA LEU A 140 9.30 -13.46 -7.10
C LEU A 140 8.33 -13.82 -5.98
N TYR A 141 7.86 -15.06 -5.97
CA TYR A 141 6.92 -15.53 -4.95
C TYR A 141 7.55 -15.42 -3.55
N TYR A 142 8.83 -15.77 -3.47
CA TYR A 142 9.57 -15.73 -2.21
C TYR A 142 10.37 -14.46 -2.02
N TYR A 143 10.25 -13.57 -2.99
CA TYR A 143 10.99 -12.30 -3.05
C TYR A 143 12.44 -12.39 -2.58
N THR A 144 13.26 -13.12 -3.32
CA THR A 144 14.68 -13.19 -3.00
C THR A 144 15.21 -11.95 -3.70
N ALA A 145 15.34 -10.89 -2.90
CA ALA A 145 15.71 -9.57 -3.40
C ALA A 145 16.88 -9.49 -4.39
N SER A 146 17.97 -10.18 -4.09
CA SER A 146 19.12 -10.13 -4.99
C SER A 146 18.95 -10.82 -6.34
N SER A 147 17.85 -11.55 -6.53
CA SER A 147 17.60 -12.20 -7.83
C SER A 147 16.31 -11.66 -8.49
N ALA A 148 15.59 -10.80 -7.77
CA ALA A 148 14.32 -10.28 -8.27
C ALA A 148 14.38 -9.48 -9.57
N ALA A 149 15.39 -8.63 -9.74
CA ALA A 149 15.51 -7.84 -10.97
C ALA A 149 15.68 -8.77 -12.18
N SER A 150 16.50 -9.81 -12.04
CA SER A 150 16.69 -10.77 -13.14
C SER A 150 15.37 -11.50 -13.40
N ALA A 151 14.71 -11.93 -12.33
CA ALA A 151 13.41 -12.63 -12.46
C ALA A 151 12.39 -11.75 -13.19
N LEU A 152 12.37 -10.45 -12.87
CA LEU A 152 11.44 -9.55 -13.53
C LEU A 152 11.77 -9.40 -15.01
N LEU A 153 13.06 -9.37 -15.35
CA LEU A 153 13.43 -9.27 -16.78
C LEU A 153 12.92 -10.52 -17.52
N VAL A 154 13.01 -11.68 -16.87
CA VAL A 154 12.52 -12.91 -17.48
C VAL A 154 10.99 -12.83 -17.62
N LEU A 155 10.33 -12.38 -16.57
CA LEU A 155 8.88 -12.27 -16.54
C LEU A 155 8.34 -11.32 -17.61
N ILE A 156 8.94 -10.13 -17.72
CA ILE A 156 8.49 -9.13 -18.69
C ILE A 156 8.60 -9.66 -20.11
N GLN A 157 9.75 -10.24 -20.43
CA GLN A 157 9.96 -10.77 -21.77
C GLN A 157 9.02 -11.92 -22.09
N SER A 158 8.72 -12.73 -21.08
CA SER A 158 7.88 -13.92 -21.25
C SER A 158 6.40 -13.65 -21.33
N THR A 159 6.00 -12.42 -21.03
CA THR A 159 4.59 -12.07 -21.06
C THR A 159 4.37 -10.93 -22.04
N ALA A 160 4.81 -9.73 -21.69
CA ALA A 160 4.65 -8.56 -22.56
C ALA A 160 5.33 -8.67 -23.93
N GLU A 161 6.61 -9.05 -23.96
CA GLU A 161 7.31 -9.13 -25.24
C GLU A 161 6.76 -10.22 -26.15
N SER A 162 6.40 -11.37 -25.58
CA SER A 162 5.81 -12.43 -26.39
C SER A 162 4.45 -11.96 -26.94
N ALA A 163 3.69 -11.21 -26.14
CA ALA A 163 2.40 -10.71 -26.56
C ALA A 163 2.57 -9.74 -27.73
N ARG A 164 3.63 -8.95 -27.70
CA ARG A 164 3.88 -7.95 -28.74
C ARG A 164 4.46 -8.52 -30.03
N TYR A 165 5.15 -9.64 -29.95
CA TYR A 165 5.79 -10.22 -31.11
C TYR A 165 5.65 -11.72 -31.21
N LYS A 166 5.12 -12.17 -32.34
CA LYS A 166 4.94 -13.59 -32.60
C LYS A 166 6.29 -14.29 -32.57
N PHE A 167 7.32 -13.62 -33.09
CA PHE A 167 8.67 -14.19 -33.11
C PHE A 167 9.15 -14.53 -31.70
N ILE A 168 8.94 -13.59 -30.77
CA ILE A 168 9.37 -13.79 -29.39
C ILE A 168 8.55 -14.91 -28.72
N GLU A 169 7.24 -14.92 -28.96
CA GLU A 169 6.36 -15.95 -28.43
C GLU A 169 6.87 -17.33 -28.88
N GLN A 170 7.21 -17.43 -30.16
CA GLN A 170 7.70 -18.68 -30.72
C GLN A 170 9.02 -19.12 -30.11
N GLN A 171 9.98 -18.21 -29.98
CA GLN A 171 11.28 -18.55 -29.39
C GLN A 171 11.16 -19.07 -27.96
N ILE A 172 10.43 -18.34 -27.12
CA ILE A 172 10.30 -18.74 -25.73
C ILE A 172 9.51 -20.05 -25.56
N GLY A 173 8.42 -20.19 -26.31
CA GLY A 173 7.58 -21.37 -26.20
C GLY A 173 8.25 -22.65 -26.67
N LYS A 174 9.26 -22.53 -27.52
CA LYS A 174 9.98 -23.70 -28.02
C LYS A 174 10.82 -24.39 -26.96
N ARG A 175 11.31 -23.60 -26.00
CA ARG A 175 12.15 -24.14 -24.93
C ARG A 175 11.29 -24.55 -23.75
N VAL A 176 10.89 -25.82 -23.76
CA VAL A 176 10.03 -26.37 -22.72
C VAL A 176 10.80 -27.02 -21.58
N ASP A 177 11.84 -27.78 -21.92
CA ASP A 177 12.63 -28.47 -20.90
C ASP A 177 14.05 -27.93 -20.75
N LYS A 178 14.32 -26.82 -21.44
CA LYS A 178 15.63 -26.19 -21.38
C LYS A 178 15.49 -24.67 -21.54
N THR A 179 16.59 -23.96 -21.38
CA THR A 179 16.58 -22.51 -21.50
C THR A 179 17.48 -22.12 -22.67
N PHE A 180 17.44 -20.83 -23.03
CA PHE A 180 18.26 -20.29 -24.12
C PHE A 180 18.49 -18.81 -23.87
N LEU A 181 19.54 -18.26 -24.49
CA LEU A 181 19.81 -16.82 -24.37
C LEU A 181 19.18 -16.17 -25.58
N PRO A 182 18.44 -15.07 -25.37
CA PRO A 182 17.79 -14.39 -26.51
C PRO A 182 18.80 -13.75 -27.48
N SER A 183 18.50 -13.85 -28.77
CA SER A 183 19.38 -13.29 -29.79
C SER A 183 19.29 -11.77 -29.82
N LEU A 184 20.24 -11.14 -30.51
CA LEU A 184 20.23 -9.69 -30.66
C LEU A 184 18.98 -9.27 -31.42
N ALA A 185 18.48 -10.15 -32.29
CA ALA A 185 17.27 -9.86 -33.05
C ALA A 185 16.07 -9.76 -32.10
N THR A 186 15.97 -10.70 -31.17
CA THR A 186 14.90 -10.71 -30.19
C THR A 186 14.95 -9.41 -29.36
N ILE A 187 16.14 -9.09 -28.84
CA ILE A 187 16.29 -7.88 -28.05
C ILE A 187 16.01 -6.61 -28.88
N SER A 188 16.41 -6.64 -30.15
CA SER A 188 16.16 -5.51 -31.05
C SER A 188 14.65 -5.24 -31.16
N LEU A 189 13.85 -6.30 -31.25
CA LEU A 189 12.40 -6.16 -31.36
C LEU A 189 11.85 -5.46 -30.11
N GLU A 190 12.31 -5.92 -28.95
CA GLU A 190 11.89 -5.36 -27.67
C GLU A 190 12.20 -3.86 -27.61
N ASN A 191 13.44 -3.52 -27.92
CA ASN A 191 13.88 -2.11 -27.87
C ASN A 191 13.19 -1.18 -28.86
N ASN A 192 12.66 -1.73 -29.95
CA ASN A 192 12.03 -0.92 -30.99
C ASN A 192 10.52 -1.00 -31.12
N TRP A 193 9.84 -1.55 -30.12
CA TRP A 193 8.38 -1.66 -30.17
C TRP A 193 7.67 -0.31 -30.33
N SER A 194 8.08 0.70 -29.57
CA SER A 194 7.47 2.04 -29.68
C SER A 194 7.70 2.64 -31.06
N ALA A 195 8.95 2.62 -31.50
CA ALA A 195 9.31 3.16 -32.80
C ALA A 195 8.52 2.47 -33.93
N LEU A 196 8.54 1.13 -33.95
CA LEU A 196 7.81 0.37 -34.95
C LEU A 196 6.33 0.71 -34.90
N SER A 197 5.76 0.77 -33.69
CA SER A 197 4.35 1.08 -33.52
C SER A 197 4.01 2.44 -34.15
N LYS A 198 4.85 3.44 -33.89
CA LYS A 198 4.65 4.78 -34.42
C LYS A 198 4.71 4.80 -35.96
N GLN A 199 5.76 4.22 -36.53
CA GLN A 199 5.94 4.20 -37.99
C GLN A 199 4.84 3.44 -38.75
N ILE A 200 4.35 2.34 -38.18
CA ILE A 200 3.28 1.55 -38.79
C ILE A 200 2.01 2.41 -38.88
N GLN A 201 1.71 3.13 -37.81
CA GLN A 201 0.54 4.01 -37.80
C GLN A 201 0.73 5.17 -38.79
N ILE A 202 1.94 5.69 -38.93
CA ILE A 202 2.21 6.76 -39.89
C ILE A 202 2.02 6.19 -41.30
N ALA A 203 2.57 5.00 -41.52
CA ALA A 203 2.49 4.33 -42.81
C ALA A 203 1.05 4.10 -43.29
N SER A 204 0.15 3.82 -42.36
CA SER A 204 -1.25 3.55 -42.69
C SER A 204 -1.93 4.69 -43.45
N THR A 205 -1.40 5.89 -43.32
CA THR A 205 -1.96 7.06 -44.01
C THR A 205 -0.88 7.73 -44.87
N ASN A 206 0.13 6.97 -45.26
CA ASN A 206 1.24 7.48 -46.05
C ASN A 206 1.65 6.42 -47.07
N ASN A 207 0.65 5.67 -47.55
CA ASN A 207 0.86 4.58 -48.52
C ASN A 207 1.88 3.52 -48.11
N GLY A 208 1.80 3.10 -46.85
CA GLY A 208 2.69 2.07 -46.35
C GLY A 208 4.11 2.53 -46.10
N GLN A 209 4.39 3.81 -46.28
CA GLN A 209 5.74 4.32 -46.07
C GLN A 209 6.03 4.91 -44.69
N PHE A 210 7.15 4.49 -44.10
CA PHE A 210 7.57 5.00 -42.80
C PHE A 210 8.11 6.40 -43.03
N GLU A 211 7.92 7.25 -42.03
CA GLU A 211 8.40 8.63 -42.06
C GLU A 211 9.89 8.56 -41.71
N SER A 212 10.22 7.70 -40.74
CA SER A 212 11.59 7.48 -40.29
C SER A 212 11.87 5.98 -40.29
N PRO A 213 13.06 5.55 -40.74
CA PRO A 213 13.39 4.13 -40.76
C PRO A 213 13.56 3.59 -39.34
N VAL A 214 13.31 2.31 -39.15
CA VAL A 214 13.50 1.68 -37.85
C VAL A 214 14.62 0.67 -38.11
N VAL A 215 15.73 0.83 -37.41
CA VAL A 215 16.84 -0.08 -37.58
C VAL A 215 16.76 -1.26 -36.61
N LEU A 216 16.84 -2.47 -37.16
CA LEU A 216 16.75 -3.68 -36.36
C LEU A 216 17.94 -4.58 -36.65
N ILE A 217 18.11 -5.62 -35.82
CA ILE A 217 19.18 -6.59 -36.02
C ILE A 217 18.44 -7.86 -36.45
N ASP A 218 18.81 -8.47 -37.57
CA ASP A 218 18.13 -9.69 -37.99
C ASP A 218 18.70 -10.97 -37.37
N GLY A 219 18.16 -12.11 -37.77
CA GLY A 219 18.60 -13.38 -37.23
C GLY A 219 20.08 -13.66 -37.39
N ASN A 220 20.71 -13.04 -38.39
CA ASN A 220 22.14 -13.25 -38.62
C ASN A 220 22.99 -12.16 -37.97
N ASN A 221 22.41 -11.46 -36.99
CA ASN A 221 23.08 -10.37 -36.27
C ASN A 221 23.35 -9.21 -37.21
N GLN A 222 22.77 -9.27 -38.40
CA GLN A 222 22.97 -8.22 -39.38
C GLN A 222 22.00 -7.06 -39.20
N ARG A 223 22.53 -5.85 -39.28
CA ARG A 223 21.73 -4.64 -39.14
C ARG A 223 20.90 -4.42 -40.39
N VAL A 224 19.60 -4.15 -40.21
CA VAL A 224 18.68 -3.91 -41.31
C VAL A 224 17.85 -2.68 -41.01
N SER A 225 17.34 -2.03 -42.06
CA SER A 225 16.54 -0.82 -41.91
C SER A 225 15.13 -1.06 -42.43
N ILE A 226 14.14 -0.93 -41.55
CA ILE A 226 12.74 -1.14 -41.91
C ILE A 226 12.19 0.22 -42.28
N THR A 227 11.56 0.31 -43.46
CA THR A 227 11.04 1.57 -43.96
C THR A 227 9.60 1.56 -44.50
N ASN A 228 8.90 0.43 -44.42
CA ASN A 228 7.52 0.38 -44.90
C ASN A 228 6.72 -0.77 -44.31
N ALA A 229 5.40 -0.68 -44.45
CA ALA A 229 4.45 -1.67 -43.93
C ALA A 229 4.50 -3.06 -44.58
N SER A 230 5.28 -3.21 -45.65
CA SER A 230 5.38 -4.50 -46.32
C SER A 230 6.49 -5.39 -45.75
N ALA A 231 7.26 -4.86 -44.80
CA ALA A 231 8.33 -5.64 -44.19
C ALA A 231 7.73 -6.82 -43.39
N ARG A 232 8.47 -7.92 -43.32
CA ARG A 232 8.00 -9.11 -42.61
C ARG A 232 7.72 -8.83 -41.14
N VAL A 233 8.48 -7.93 -40.53
CA VAL A 233 8.26 -7.62 -39.12
C VAL A 233 6.86 -7.02 -38.91
N VAL A 234 6.36 -6.33 -39.94
CA VAL A 234 5.04 -5.70 -39.91
C VAL A 234 3.92 -6.66 -40.32
N THR A 235 4.18 -7.46 -41.35
CA THR A 235 3.16 -8.38 -41.86
C THR A 235 3.10 -9.73 -41.16
N SER A 236 4.20 -10.14 -40.55
CA SER A 236 4.25 -11.47 -39.95
C SER A 236 4.94 -11.59 -38.61
N ASN A 237 4.83 -10.57 -37.76
CA ASN A 237 5.51 -10.65 -36.48
C ASN A 237 4.81 -9.85 -35.39
N ILE A 238 4.93 -8.52 -35.46
CA ILE A 238 4.31 -7.64 -34.48
C ILE A 238 2.82 -7.97 -34.34
N ALA A 239 2.39 -8.13 -33.09
CA ALA A 239 1.02 -8.52 -32.77
C ALA A 239 0.16 -7.49 -32.04
N LEU A 240 0.79 -6.43 -31.55
CA LEU A 240 0.10 -5.36 -30.85
C LEU A 240 0.85 -4.05 -31.15
N LEU A 241 0.11 -2.96 -31.27
CA LEU A 241 0.70 -1.64 -31.53
C LEU A 241 0.42 -0.66 -30.38
N LEU A 242 1.47 -0.01 -29.90
CA LEU A 242 1.33 1.01 -28.84
C LEU A 242 0.69 2.21 -29.55
N ASN A 243 -0.39 2.76 -28.98
CA ASN A 243 -1.08 3.89 -29.59
C ASN A 243 -0.15 5.09 -29.70
N ARG A 244 -0.18 5.75 -30.87
CA ARG A 244 0.69 6.91 -31.12
C ARG A 244 0.51 8.01 -30.06
N ASN A 245 -0.68 8.08 -29.49
CA ASN A 245 -0.97 9.06 -28.45
C ASN A 245 -0.13 8.85 -27.21
N ASN A 246 0.39 7.65 -27.06
CA ASN A 246 1.22 7.31 -25.92
C ASN A 246 2.69 7.27 -26.32
N ILE A 247 2.99 7.78 -27.50
CA ILE A 247 4.36 7.79 -27.98
C ILE A 247 4.84 9.24 -28.17
N ALA A 248 5.92 9.58 -27.47
CA ALA A 248 6.51 10.91 -27.53
C ALA A 248 7.50 10.96 -28.68
N ASP B 2 1.93 -3.66 30.72
CA ASP B 2 2.59 -2.87 29.68
C ASP B 2 2.48 -3.35 28.24
N VAL B 3 2.49 -2.38 27.31
CA VAL B 3 2.48 -2.68 25.88
C VAL B 3 3.59 -1.86 25.23
N SER B 4 4.07 -2.29 24.07
CA SER B 4 5.18 -1.61 23.42
C SER B 4 5.04 -1.60 21.90
N PHE B 5 5.58 -0.57 21.26
CA PHE B 5 5.58 -0.49 19.81
C PHE B 5 6.93 0.07 19.37
N ARG B 6 7.59 -0.60 18.42
CA ARG B 6 8.87 -0.12 17.89
C ARG B 6 8.74 0.30 16.42
N LEU B 7 9.12 1.54 16.14
CA LEU B 7 9.05 2.08 14.79
C LEU B 7 10.08 1.46 13.84
N SER B 8 11.24 1.04 14.36
CA SER B 8 12.26 0.43 13.53
C SER B 8 11.75 -0.92 13.02
N GLY B 9 11.57 -1.05 11.71
CA GLY B 9 11.06 -2.28 11.14
C GLY B 9 9.55 -2.33 11.23
N ALA B 10 8.90 -1.22 11.60
CA ALA B 10 7.45 -1.24 11.72
C ALA B 10 6.74 -1.49 10.38
N THR B 11 5.61 -2.17 10.47
CA THR B 11 4.80 -2.52 9.30
C THR B 11 3.33 -2.26 9.65
N THR B 12 2.46 -2.25 8.65
CA THR B 12 1.03 -2.07 8.92
C THR B 12 0.60 -3.18 9.90
N THR B 13 1.08 -4.40 9.69
CA THR B 13 0.72 -5.52 10.57
C THR B 13 1.21 -5.31 12.01
N SER B 14 2.46 -4.90 12.16
CA SER B 14 2.99 -4.66 13.52
C SER B 14 2.27 -3.53 14.26
N TYR B 15 1.79 -2.52 13.53
CA TYR B 15 1.06 -1.44 14.19
C TYR B 15 -0.28 -2.01 14.68
N GLY B 16 -0.87 -2.88 13.87
CA GLY B 16 -2.11 -3.53 14.22
C GLY B 16 -1.98 -4.38 15.48
N VAL B 17 -0.87 -5.09 15.61
CA VAL B 17 -0.62 -5.92 16.81
C VAL B 17 -0.51 -5.00 18.02
N PHE B 18 0.25 -3.91 17.88
CA PHE B 18 0.36 -2.95 18.97
C PHE B 18 -1.02 -2.44 19.44
N ILE B 19 -1.84 -2.01 18.50
CA ILE B 19 -3.16 -1.48 18.84
C ILE B 19 -4.04 -2.57 19.51
N LYS B 20 -3.95 -3.81 19.03
CA LYS B 20 -4.71 -4.90 19.65
C LYS B 20 -4.21 -5.09 21.09
N ASN B 21 -2.87 -5.05 21.28
CA ASN B 21 -2.27 -5.18 22.61
C ASN B 21 -2.79 -4.06 23.53
N LEU B 22 -2.74 -2.81 23.04
CA LEU B 22 -3.22 -1.66 23.81
C LEU B 22 -4.70 -1.83 24.25
N ARG B 23 -5.58 -2.19 23.33
CA ARG B 23 -6.99 -2.40 23.70
C ARG B 23 -7.09 -3.47 24.79
N GLU B 24 -6.29 -4.52 24.65
CA GLU B 24 -6.34 -5.64 25.59
C GLU B 24 -5.66 -5.40 26.93
N ALA B 25 -4.94 -4.28 27.05
CA ALA B 25 -4.27 -3.91 28.28
C ALA B 25 -5.23 -3.14 29.19
N LEU B 26 -6.41 -2.81 28.68
CA LEU B 26 -7.38 -2.04 29.45
C LEU B 26 -8.42 -2.96 30.07
N PRO B 27 -8.72 -2.78 31.36
CA PRO B 27 -9.74 -3.62 32.02
C PRO B 27 -11.11 -3.31 31.43
N TYR B 28 -11.96 -4.32 31.30
CA TYR B 28 -13.30 -4.15 30.77
C TYR B 28 -14.30 -4.58 31.84
N GLU B 29 -15.42 -3.86 31.92
CA GLU B 29 -16.48 -4.23 32.85
C GLU B 29 -17.20 -5.43 32.24
N ARG B 30 -17.34 -5.39 30.91
CA ARG B 30 -18.04 -6.41 30.14
C ARG B 30 -18.00 -5.92 28.69
N LYS B 31 -18.77 -6.55 27.82
CA LYS B 31 -18.86 -6.12 26.42
C LYS B 31 -20.30 -5.79 26.12
N VAL B 32 -20.53 -4.75 25.32
CA VAL B 32 -21.90 -4.36 24.94
C VAL B 32 -21.88 -4.39 23.41
N TYR B 33 -22.76 -5.20 22.81
CA TYR B 33 -22.79 -5.40 21.35
C TYR B 33 -21.39 -5.86 20.92
N ASN B 34 -20.77 -6.69 21.76
CA ASN B 34 -19.44 -7.21 21.51
C ASN B 34 -18.29 -6.16 21.50
N ILE B 35 -18.55 -4.98 22.06
CA ILE B 35 -17.54 -3.92 22.15
C ILE B 35 -17.16 -3.76 23.62
N PRO B 36 -15.87 -3.83 23.96
CA PRO B 36 -15.45 -3.67 25.36
C PRO B 36 -15.96 -2.39 26.00
N LEU B 37 -16.55 -2.51 27.19
CA LEU B 37 -17.05 -1.39 27.97
C LEU B 37 -16.00 -1.13 29.05
N LEU B 38 -15.37 0.05 29.00
CA LEU B 38 -14.32 0.40 29.96
C LEU B 38 -14.88 0.54 31.37
N ARG B 39 -14.02 0.35 32.37
CA ARG B 39 -14.44 0.43 33.77
C ARG B 39 -14.91 1.81 34.21
N SER B 40 -15.83 1.85 35.18
CA SER B 40 -16.31 3.12 35.70
C SER B 40 -15.20 3.79 36.52
N SER B 41 -14.60 3.05 37.43
CA SER B 41 -13.57 3.61 38.27
C SER B 41 -12.63 2.52 38.75
N ILE B 42 -11.38 2.92 38.98
CA ILE B 42 -10.33 2.04 39.46
C ILE B 42 -9.45 2.88 40.38
N SER B 43 -9.07 2.32 41.51
CA SER B 43 -8.24 3.06 42.45
C SER B 43 -6.81 2.56 42.40
N GLY B 44 -5.91 3.41 42.88
CA GLY B 44 -4.50 3.07 42.93
C GLY B 44 -3.83 3.05 41.58
N SER B 45 -2.68 2.36 41.53
CA SER B 45 -1.88 2.23 40.33
C SER B 45 -2.64 1.54 39.20
N GLY B 46 -3.65 0.75 39.57
CA GLY B 46 -4.43 0.02 38.59
C GLY B 46 -5.15 0.92 37.60
N ARG B 47 -5.29 2.19 37.97
CA ARG B 47 -5.94 3.16 37.11
C ARG B 47 -5.09 3.54 35.89
N TYR B 48 -3.78 3.31 35.96
CA TYR B 48 -2.89 3.69 34.87
C TYR B 48 -2.16 2.53 34.26
N THR B 49 -1.80 2.68 33.00
CA THR B 49 -1.06 1.65 32.29
C THR B 49 -0.04 2.36 31.40
N LEU B 50 1.06 1.69 31.08
CA LEU B 50 2.13 2.29 30.30
C LEU B 50 2.32 1.71 28.89
N LEU B 51 2.56 2.59 27.93
CA LEU B 51 2.81 2.21 26.54
C LEU B 51 4.23 2.70 26.28
N HIS B 52 5.06 1.85 25.70
CA HIS B 52 6.45 2.24 25.44
C HIS B 52 6.58 2.35 23.95
N LEU B 53 7.03 3.51 23.49
CA LEU B 53 7.16 3.77 22.06
C LEU B 53 8.59 4.11 21.74
N THR B 54 9.16 3.41 20.77
CA THR B 54 10.56 3.61 20.38
C THR B 54 10.63 4.05 18.93
N ASN B 55 11.37 5.12 18.66
CA ASN B 55 11.44 5.64 17.30
C ASN B 55 12.47 4.90 16.43
N TYR B 56 12.64 5.34 15.18
CA TYR B 56 13.56 4.67 14.26
C TYR B 56 14.99 4.65 14.82
N ALA B 57 15.34 5.70 15.56
CA ALA B 57 16.68 5.86 16.14
C ALA B 57 16.88 5.15 17.47
N ASP B 58 15.91 4.32 17.86
CA ASP B 58 15.98 3.57 19.11
C ASP B 58 15.84 4.42 20.39
N GLU B 59 15.17 5.57 20.29
CA GLU B 59 14.94 6.46 21.44
C GLU B 59 13.53 6.13 21.91
N THR B 60 13.38 5.86 23.20
CA THR B 60 12.09 5.46 23.76
C THR B 60 11.44 6.42 24.76
N ILE B 61 10.11 6.52 24.69
CA ILE B 61 9.35 7.31 25.67
C ILE B 61 8.31 6.34 26.23
N SER B 62 8.00 6.47 27.52
CA SER B 62 6.98 5.65 28.18
C SER B 62 5.81 6.61 28.40
N VAL B 63 4.62 6.20 28.01
CA VAL B 63 3.43 7.05 28.09
C VAL B 63 2.40 6.47 29.06
N ALA B 64 1.93 7.29 30.01
CA ALA B 64 0.94 6.84 31.00
C ALA B 64 -0.47 7.18 30.54
N VAL B 65 -1.34 6.17 30.55
CA VAL B 65 -2.71 6.33 30.12
C VAL B 65 -3.67 5.89 31.24
N ASP B 66 -4.76 6.66 31.42
CA ASP B 66 -5.78 6.33 32.41
C ASP B 66 -6.61 5.25 31.68
N VAL B 67 -6.73 4.07 32.26
CA VAL B 67 -7.44 2.97 31.58
C VAL B 67 -8.95 3.09 31.49
N THR B 68 -9.53 4.02 32.26
CA THR B 68 -10.99 4.18 32.23
C THR B 68 -11.45 5.04 31.04
N ASN B 69 -10.56 5.88 30.51
CA ASN B 69 -10.97 6.76 29.41
C ASN B 69 -9.95 6.88 28.28
N VAL B 70 -8.86 6.14 28.41
CA VAL B 70 -7.75 6.13 27.45
C VAL B 70 -7.08 7.50 27.29
N TYR B 71 -7.20 8.35 28.30
CA TYR B 71 -6.58 9.68 28.26
C TYR B 71 -5.12 9.59 28.65
N ILE B 72 -4.28 10.27 27.87
CA ILE B 72 -2.85 10.33 28.15
C ILE B 72 -2.61 11.35 29.27
N MET B 73 -1.92 10.91 30.32
CA MET B 73 -1.63 11.77 31.49
C MET B 73 -0.28 12.47 31.39
N GLY B 74 0.70 11.79 30.79
CA GLY B 74 2.04 12.32 30.69
C GLY B 74 2.98 11.26 30.14
N TYR B 75 4.25 11.55 30.10
CA TYR B 75 5.23 10.61 29.56
C TYR B 75 6.59 10.79 30.21
N LEU B 76 7.42 9.78 30.08
CA LEU B 76 8.77 9.76 30.61
C LEU B 76 9.80 9.57 29.48
N ALA B 77 10.83 10.41 29.50
CA ALA B 77 11.92 10.33 28.52
C ALA B 77 13.19 10.30 29.39
N GLY B 78 13.83 9.14 29.49
CA GLY B 78 15.02 9.07 30.33
C GLY B 78 14.69 9.33 31.80
N ASP B 79 15.29 10.37 32.35
CA ASP B 79 15.10 10.75 33.77
C ASP B 79 14.11 11.89 33.95
N VAL B 80 13.47 12.33 32.86
CA VAL B 80 12.54 13.45 32.93
C VAL B 80 11.10 13.08 32.59
N SER B 81 10.19 13.33 33.52
CA SER B 81 8.76 13.07 33.29
C SER B 81 8.07 14.37 32.90
N TYR B 82 6.99 14.26 32.16
CA TYR B 82 6.21 15.40 31.71
C TYR B 82 4.74 15.07 31.92
N PHE B 83 4.02 15.95 32.61
CA PHE B 83 2.60 15.77 32.89
C PHE B 83 1.76 16.94 32.42
N PHE B 84 0.55 16.66 31.95
CA PHE B 84 -0.33 17.73 31.51
C PHE B 84 -0.67 18.58 32.71
N ASN B 85 -0.93 19.85 32.46
CA ASN B 85 -1.28 20.77 33.51
C ASN B 85 -2.76 20.68 33.84
N GLU B 86 -3.16 19.62 34.55
CA GLU B 86 -4.55 19.43 34.95
C GLU B 86 -4.63 18.42 36.07
N ALA B 87 -5.70 18.52 36.84
CA ALA B 87 -5.93 17.66 38.02
C ALA B 87 -5.70 16.17 37.83
N SER B 88 -6.25 15.61 36.75
CA SER B 88 -6.10 14.19 36.49
C SER B 88 -4.63 13.78 36.37
N ALA B 89 -3.84 14.61 35.69
CA ALA B 89 -2.42 14.33 35.51
C ALA B 89 -1.66 14.49 36.83
N THR B 90 -2.08 15.43 37.65
CA THR B 90 -1.42 15.64 38.95
C THR B 90 -1.60 14.39 39.83
N GLU B 91 -2.79 13.80 39.78
CA GLU B 91 -3.08 12.59 40.54
C GLU B 91 -2.25 11.43 39.96
N ALA B 92 -2.17 11.36 38.63
CA ALA B 92 -1.42 10.30 37.96
C ALA B 92 0.05 10.31 38.40
N ALA B 93 0.59 11.51 38.62
CA ALA B 93 1.98 11.68 39.01
C ALA B 93 2.33 11.06 40.36
N LYS B 94 1.31 10.70 41.14
CA LYS B 94 1.52 10.07 42.43
C LYS B 94 1.74 8.58 42.24
N PHE B 95 1.44 8.09 41.06
CA PHE B 95 1.58 6.67 40.77
C PHE B 95 2.59 6.24 39.73
N VAL B 96 2.82 7.07 38.73
CA VAL B 96 3.72 6.70 37.67
C VAL B 96 4.95 7.58 37.56
N PHE B 97 6.03 6.97 37.07
CA PHE B 97 7.32 7.66 36.85
C PHE B 97 7.84 8.29 38.13
N LYS B 98 7.63 7.62 39.25
CA LYS B 98 8.03 8.18 40.54
C LYS B 98 9.53 8.37 40.77
N ASP B 99 10.36 7.65 40.03
CA ASP B 99 11.81 7.75 40.18
C ASP B 99 12.44 8.76 39.24
N ALA B 100 11.63 9.52 38.51
CA ALA B 100 12.18 10.52 37.59
C ALA B 100 13.03 11.53 38.37
N LYS B 101 14.12 11.99 37.79
CA LYS B 101 14.99 12.98 38.45
C LYS B 101 14.49 14.41 38.30
N LYS B 102 13.61 14.62 37.32
CA LYS B 102 13.02 15.93 37.08
C LYS B 102 11.60 15.72 36.57
N LYS B 103 10.66 16.44 37.17
CA LYS B 103 9.27 16.38 36.77
C LYS B 103 8.85 17.74 36.20
N VAL B 104 8.39 17.73 34.96
CA VAL B 104 7.97 18.95 34.28
C VAL B 104 6.46 18.97 34.15
N THR B 105 5.87 20.13 34.35
CA THR B 105 4.44 20.29 34.16
C THR B 105 4.33 21.01 32.82
N LEU B 106 3.70 20.36 31.84
CA LEU B 106 3.52 20.94 30.52
C LEU B 106 2.66 22.21 30.65
N PRO B 107 2.86 23.19 29.76
CA PRO B 107 2.07 24.42 29.85
C PRO B 107 0.64 24.36 29.31
N TYR B 108 0.04 23.18 29.27
CA TYR B 108 -1.33 23.03 28.77
C TYR B 108 -1.88 21.70 29.25
N SER B 109 -3.20 21.62 29.28
CA SER B 109 -3.88 20.38 29.67
C SER B 109 -3.87 19.49 28.40
N GLY B 110 -4.43 18.27 28.51
CA GLY B 110 -4.46 17.34 27.39
C GLY B 110 -5.69 17.44 26.50
N ASN B 111 -6.48 18.48 26.72
CA ASN B 111 -7.70 18.78 25.97
C ASN B 111 -7.29 19.15 24.53
N TYR B 112 -7.99 18.63 23.52
CA TYR B 112 -7.68 18.94 22.12
C TYR B 112 -7.72 20.43 21.82
N GLU B 113 -8.71 21.15 22.35
CA GLU B 113 -8.79 22.59 22.09
C GLU B 113 -7.53 23.28 22.59
N ARG B 114 -7.10 22.93 23.81
CA ARG B 114 -5.90 23.54 24.39
C ARG B 114 -4.66 23.18 23.61
N LEU B 115 -4.55 21.91 23.21
CA LEU B 115 -3.39 21.45 22.45
C LEU B 115 -3.33 22.10 21.07
N GLN B 116 -4.48 22.20 20.39
CA GLN B 116 -4.53 22.83 19.06
C GLN B 116 -4.11 24.30 19.17
N THR B 117 -4.61 25.01 20.18
CA THR B 117 -4.25 26.41 20.38
C THR B 117 -2.74 26.54 20.64
N ALA B 118 -2.21 25.69 21.52
CA ALA B 118 -0.78 25.70 21.83
C ALA B 118 0.08 25.32 20.61
N ALA B 119 -0.43 24.43 19.75
CA ALA B 119 0.29 24.00 18.54
C ALA B 119 0.14 25.01 17.41
N GLY B 120 -0.91 25.83 17.49
CA GLY B 120 -1.19 26.81 16.45
C GLY B 120 -1.72 26.11 15.20
N LYS B 121 -2.27 24.90 15.37
CA LYS B 121 -2.81 24.13 14.23
C LYS B 121 -3.91 23.20 14.71
N ILE B 122 -4.91 22.96 13.87
CA ILE B 122 -5.98 22.02 14.21
C ILE B 122 -5.57 20.63 13.75
N ARG B 123 -6.20 19.58 14.29
CA ARG B 123 -5.84 18.20 13.94
C ARG B 123 -5.83 17.89 12.44
N GLU B 124 -6.79 18.48 11.71
CA GLU B 124 -6.89 18.27 10.27
C GLU B 124 -5.64 18.72 9.51
N ASN B 125 -4.82 19.56 10.13
CA ASN B 125 -3.62 20.09 9.46
C ASN B 125 -2.30 19.55 9.99
N ILE B 126 -2.37 18.52 10.83
CA ILE B 126 -1.17 17.91 11.39
C ILE B 126 -1.06 16.49 10.82
N PRO B 127 0.00 16.21 10.05
CA PRO B 127 0.17 14.86 9.48
C PRO B 127 0.22 13.71 10.50
N LEU B 128 -0.37 12.58 10.11
CA LEU B 128 -0.37 11.36 10.90
C LEU B 128 0.28 10.28 10.03
N GLY B 129 0.41 9.06 10.56
CA GLY B 129 1.04 7.98 9.82
C GLY B 129 2.22 7.51 10.68
N LEU B 130 2.80 6.38 10.35
CA LEU B 130 3.91 5.88 11.16
C LEU B 130 5.13 6.81 11.22
N PRO B 131 5.56 7.40 10.11
CA PRO B 131 6.69 8.30 10.16
C PRO B 131 6.37 9.51 11.02
N ALA B 132 5.09 9.91 11.07
CA ALA B 132 4.71 11.04 11.92
C ALA B 132 4.84 10.66 13.40
N LEU B 133 4.60 9.38 13.72
CA LEU B 133 4.74 8.92 15.10
C LEU B 133 6.23 8.93 15.45
N ASP B 134 7.08 8.52 14.50
CA ASP B 134 8.52 8.57 14.75
C ASP B 134 8.92 10.02 15.09
N SER B 135 8.45 10.97 14.30
CA SER B 135 8.78 12.38 14.53
C SER B 135 8.29 12.89 15.87
N ALA B 136 7.07 12.53 16.23
CA ALA B 136 6.48 12.92 17.50
C ALA B 136 7.31 12.39 18.66
N ILE B 137 7.79 11.15 18.56
CA ILE B 137 8.61 10.57 19.63
C ILE B 137 9.90 11.37 19.76
N THR B 138 10.55 11.66 18.62
CA THR B 138 11.78 12.46 18.64
C THR B 138 11.54 13.82 19.32
N THR B 139 10.47 14.50 18.92
CA THR B 139 10.13 15.81 19.48
C THR B 139 9.97 15.75 21.01
N LEU B 140 9.23 14.75 21.47
CA LEU B 140 8.98 14.59 22.89
C LEU B 140 10.14 14.04 23.71
N TYR B 141 10.90 13.11 23.13
CA TYR B 141 12.05 12.52 23.82
C TYR B 141 13.03 13.61 24.26
N TYR B 142 13.42 14.49 23.32
CA TYR B 142 14.37 15.57 23.63
C TYR B 142 13.67 16.80 24.15
N TYR B 143 12.37 16.88 23.88
CA TYR B 143 11.52 18.01 24.23
C TYR B 143 11.87 19.35 23.55
N THR B 144 11.50 19.44 22.26
CA THR B 144 11.63 20.68 21.49
C THR B 144 10.29 21.35 21.84
N ALA B 145 10.36 22.28 22.78
CA ALA B 145 9.17 22.94 23.30
C ALA B 145 8.16 23.46 22.28
N SER B 146 8.66 24.13 21.23
CA SER B 146 7.76 24.70 20.23
C SER B 146 7.00 23.69 19.37
N SER B 147 7.43 22.43 19.37
CA SER B 147 6.77 21.37 18.60
C SER B 147 6.04 20.35 19.47
N ALA B 148 6.20 20.45 20.80
CA ALA B 148 5.61 19.47 21.72
C ALA B 148 4.10 19.29 21.64
N ALA B 149 3.36 20.39 21.57
CA ALA B 149 1.89 20.29 21.52
C ALA B 149 1.45 19.52 20.29
N SER B 150 2.03 19.83 19.12
CA SER B 150 1.67 19.12 17.90
C SER B 150 2.06 17.64 17.98
N ALA B 151 3.23 17.36 18.58
CA ALA B 151 3.69 15.97 18.74
C ALA B 151 2.74 15.18 19.65
N LEU B 152 2.22 15.85 20.69
CA LEU B 152 1.27 15.22 21.60
C LEU B 152 -0.08 14.93 20.90
N LEU B 153 -0.50 15.79 19.99
CA LEU B 153 -1.72 15.55 19.21
C LEU B 153 -1.48 14.32 18.33
N VAL B 154 -0.27 14.19 17.75
CA VAL B 154 0.06 13.01 16.94
C VAL B 154 0.06 11.76 17.83
N LEU B 155 0.71 11.85 18.98
CA LEU B 155 0.81 10.72 19.92
C LEU B 155 -0.58 10.21 20.36
N ILE B 156 -1.41 11.14 20.81
CA ILE B 156 -2.75 10.82 21.28
C ILE B 156 -3.57 10.13 20.20
N GLN B 157 -3.61 10.70 19.01
CA GLN B 157 -4.37 10.06 17.95
C GLN B 157 -3.82 8.70 17.53
N SER B 158 -2.50 8.55 17.53
CA SER B 158 -1.87 7.28 17.15
C SER B 158 -1.95 6.18 18.19
N THR B 159 -2.45 6.49 19.39
CA THR B 159 -2.53 5.50 20.46
C THR B 159 -4.01 5.40 20.86
N ALA B 160 -4.49 6.37 21.63
CA ALA B 160 -5.89 6.35 22.09
C ALA B 160 -6.93 6.30 20.97
N GLU B 161 -6.79 7.16 19.97
CA GLU B 161 -7.82 7.19 18.93
C GLU B 161 -7.83 5.92 18.11
N SER B 162 -6.66 5.40 17.75
CA SER B 162 -6.58 4.14 17.03
C SER B 162 -7.19 2.99 17.88
N ALA B 163 -6.93 3.02 19.18
CA ALA B 163 -7.48 2.02 20.09
C ALA B 163 -9.00 2.09 20.14
N ARG B 164 -9.55 3.29 20.02
CA ARG B 164 -11.01 3.46 20.11
C ARG B 164 -11.74 3.13 18.79
N TYR B 165 -11.06 3.28 17.67
CA TYR B 165 -11.71 3.08 16.38
C TYR B 165 -10.89 2.29 15.39
N LYS B 166 -11.43 1.16 14.93
CA LYS B 166 -10.72 0.37 13.91
C LYS B 166 -10.44 1.23 12.67
N PHE B 167 -11.36 2.12 12.31
CA PHE B 167 -11.16 2.98 11.14
C PHE B 167 -9.87 3.81 11.23
N ILE B 168 -9.64 4.41 12.41
CA ILE B 168 -8.47 5.25 12.65
C ILE B 168 -7.19 4.40 12.69
N GLU B 169 -7.27 3.24 13.36
CA GLU B 169 -6.14 2.30 13.41
C GLU B 169 -5.71 2.01 11.97
N GLN B 170 -6.67 1.66 11.12
CA GLN B 170 -6.41 1.34 9.72
C GLN B 170 -5.77 2.48 8.93
N GLN B 171 -6.32 3.67 9.08
CA GLN B 171 -5.83 4.84 8.36
C GLN B 171 -4.36 5.11 8.68
N ILE B 172 -4.04 5.15 9.97
CA ILE B 172 -2.68 5.43 10.40
C ILE B 172 -1.70 4.31 10.03
N GLY B 173 -2.08 3.07 10.31
CA GLY B 173 -1.22 1.92 10.02
C GLY B 173 -0.89 1.72 8.55
N LYS B 174 -1.74 2.23 7.67
CA LYS B 174 -1.54 2.11 6.23
C LYS B 174 -0.41 3.01 5.74
N ARG B 175 -0.12 4.09 6.48
CA ARG B 175 0.95 4.98 6.07
C ARG B 175 2.25 4.59 6.77
N VAL B 176 2.96 3.66 6.14
CA VAL B 176 4.20 3.15 6.69
C VAL B 176 5.39 4.04 6.38
N ASP B 177 5.49 4.49 5.13
CA ASP B 177 6.64 5.32 4.75
C ASP B 177 6.28 6.69 4.21
N LYS B 178 5.12 7.17 4.60
CA LYS B 178 4.65 8.50 4.21
C LYS B 178 3.66 8.92 5.28
N THR B 179 3.26 10.18 5.24
CA THR B 179 2.29 10.71 6.20
C THR B 179 1.08 11.25 5.45
N PHE B 180 0.01 11.57 6.18
CA PHE B 180 -1.20 12.09 5.57
C PHE B 180 -1.94 13.06 6.50
N LEU B 181 -2.72 14.00 5.93
CA LEU B 181 -3.52 14.92 6.74
C LEU B 181 -4.85 14.20 7.01
N PRO B 182 -5.26 14.09 8.27
CA PRO B 182 -6.52 13.39 8.55
C PRO B 182 -7.78 14.06 7.98
N SER B 183 -8.73 13.22 7.58
CA SER B 183 -10.00 13.70 7.02
C SER B 183 -10.98 14.12 8.10
N LEU B 184 -12.06 14.77 7.67
CA LEU B 184 -13.10 15.17 8.61
C LEU B 184 -13.74 13.94 9.22
N ALA B 185 -13.82 12.86 8.46
CA ALA B 185 -14.41 11.64 8.98
C ALA B 185 -13.63 11.16 10.21
N THR B 186 -12.31 11.19 10.11
CA THR B 186 -11.45 10.79 11.22
C THR B 186 -11.65 11.68 12.44
N ILE B 187 -11.57 12.99 12.23
CA ILE B 187 -11.75 13.95 13.31
C ILE B 187 -13.15 13.84 13.93
N SER B 188 -14.15 13.50 13.10
CA SER B 188 -15.53 13.37 13.57
C SER B 188 -15.67 12.20 14.54
N LEU B 189 -15.03 11.09 14.22
CA LEU B 189 -15.04 9.94 15.11
C LEU B 189 -14.42 10.32 16.44
N GLU B 190 -13.27 11.00 16.40
CA GLU B 190 -12.64 11.42 17.63
C GLU B 190 -13.56 12.30 18.49
N ASN B 191 -14.18 13.27 17.86
CA ASN B 191 -15.02 14.21 18.57
C ASN B 191 -16.28 13.60 19.16
N ASN B 192 -16.72 12.49 18.59
CA ASN B 192 -17.96 11.86 19.02
C ASN B 192 -17.81 10.55 19.81
N TRP B 193 -16.61 10.28 20.34
CA TRP B 193 -16.43 9.05 21.07
C TRP B 193 -17.35 8.97 22.29
N SER B 194 -17.40 10.03 23.06
CA SER B 194 -18.26 10.06 24.24
C SER B 194 -19.76 9.93 23.87
N ALA B 195 -20.20 10.68 22.86
CA ALA B 195 -21.61 10.64 22.41
C ALA B 195 -22.01 9.24 21.92
N LEU B 196 -21.18 8.65 21.08
CA LEU B 196 -21.43 7.29 20.58
C LEU B 196 -21.42 6.28 21.74
N SER B 197 -20.44 6.39 22.63
CA SER B 197 -20.36 5.46 23.77
C SER B 197 -21.66 5.50 24.59
N LYS B 198 -22.16 6.72 24.84
CA LYS B 198 -23.37 6.89 25.63
C LYS B 198 -24.59 6.27 24.95
N GLN B 199 -24.78 6.55 23.65
CA GLN B 199 -25.94 6.03 22.93
C GLN B 199 -25.90 4.54 22.70
N ILE B 200 -24.71 3.96 22.56
CA ILE B 200 -24.60 2.50 22.38
C ILE B 200 -25.05 1.81 23.68
N GLN B 201 -24.64 2.33 24.82
CA GLN B 201 -25.08 1.78 26.11
C GLN B 201 -26.59 1.97 26.26
N ILE B 202 -27.11 3.13 25.86
CA ILE B 202 -28.56 3.36 25.94
C ILE B 202 -29.28 2.33 25.05
N ALA B 203 -28.78 2.13 23.84
CA ALA B 203 -29.38 1.21 22.90
C ALA B 203 -29.51 -0.20 23.47
N SER B 204 -28.49 -0.65 24.21
CA SER B 204 -28.49 -2.01 24.75
C SER B 204 -29.70 -2.31 25.66
N THR B 205 -30.26 -1.28 26.26
CA THR B 205 -31.43 -1.47 27.10
C THR B 205 -32.60 -0.65 26.57
N ASN B 206 -32.62 -0.50 25.24
CA ASN B 206 -33.67 0.27 24.58
C ASN B 206 -33.97 -0.33 23.21
N ASN B 207 -33.89 -1.65 23.15
CA ASN B 207 -34.16 -2.38 21.94
C ASN B 207 -33.31 -1.96 20.73
N GLY B 208 -32.05 -1.61 20.99
CA GLY B 208 -31.14 -1.22 19.92
C GLY B 208 -31.24 0.19 19.38
N GLN B 209 -32.16 0.99 19.92
CA GLN B 209 -32.37 2.36 19.48
C GLN B 209 -31.67 3.40 20.36
N PHE B 210 -31.05 4.38 19.71
CA PHE B 210 -30.40 5.47 20.43
C PHE B 210 -31.54 6.34 20.94
N GLU B 211 -31.33 7.05 22.04
CA GLU B 211 -32.36 7.95 22.52
C GLU B 211 -32.22 9.30 21.81
N SER B 212 -31.01 9.62 21.38
CA SER B 212 -30.72 10.85 20.64
C SER B 212 -29.74 10.51 19.53
N PRO B 213 -29.86 11.16 18.37
CA PRO B 213 -28.96 10.87 17.25
C PRO B 213 -27.53 11.39 17.49
N VAL B 214 -26.55 10.73 16.85
CA VAL B 214 -25.16 11.17 16.91
C VAL B 214 -24.80 11.46 15.45
N VAL B 215 -24.30 12.66 15.15
CA VAL B 215 -23.99 12.99 13.77
C VAL B 215 -22.53 12.82 13.49
N LEU B 216 -22.23 12.02 12.47
CA LEU B 216 -20.85 11.78 12.04
C LEU B 216 -20.65 12.28 10.62
N ILE B 217 -19.39 12.49 10.24
CA ILE B 217 -19.08 12.93 8.88
C ILE B 217 -18.54 11.71 8.12
N ASP B 218 -19.06 11.42 6.93
CA ASP B 218 -18.57 10.27 6.17
C ASP B 218 -17.36 10.59 5.28
N GLY B 219 -16.96 9.62 4.46
CA GLY B 219 -15.81 9.80 3.58
C GLY B 219 -15.96 10.93 2.56
N ASN B 220 -17.21 11.27 2.24
CA ASN B 220 -17.48 12.33 1.29
C ASN B 220 -17.74 13.66 1.95
N ASN B 221 -17.43 13.74 3.24
CA ASN B 221 -17.62 14.96 4.01
C ASN B 221 -19.09 15.28 4.23
N GLN B 222 -19.95 14.28 4.05
CA GLN B 222 -21.39 14.45 4.24
C GLN B 222 -21.78 14.02 5.66
N ARG B 223 -22.74 14.72 6.25
CA ARG B 223 -23.21 14.39 7.59
C ARG B 223 -24.15 13.21 7.52
N VAL B 224 -24.05 12.34 8.52
CA VAL B 224 -24.92 11.17 8.62
C VAL B 224 -25.35 10.98 10.08
N SER B 225 -26.65 10.87 10.32
CA SER B 225 -27.15 10.67 11.67
C SER B 225 -27.13 9.18 12.02
N ILE B 226 -26.47 8.84 13.12
CA ILE B 226 -26.42 7.47 13.65
C ILE B 226 -27.55 7.40 14.68
N THR B 227 -28.44 6.42 14.54
CA THR B 227 -29.60 6.32 15.42
C THR B 227 -29.87 4.96 16.04
N ASN B 228 -29.06 3.95 15.68
CA ASN B 228 -29.26 2.62 16.26
C ASN B 228 -28.01 1.77 16.24
N ALA B 229 -28.04 0.68 17.01
CA ALA B 229 -26.91 -0.20 17.15
C ALA B 229 -26.57 -1.01 15.91
N SER B 230 -27.37 -0.87 14.85
CA SER B 230 -27.11 -1.60 13.60
C SER B 230 -26.24 -0.80 12.62
N ALA B 231 -25.91 0.45 12.98
CA ALA B 231 -25.07 1.30 12.13
C ALA B 231 -23.68 0.71 12.01
N ARG B 232 -23.05 0.90 10.85
CA ARG B 232 -21.73 0.36 10.60
C ARG B 232 -20.70 0.83 11.64
N VAL B 233 -20.81 2.06 12.11
CA VAL B 233 -19.85 2.53 13.10
C VAL B 233 -19.92 1.71 14.40
N VAL B 234 -21.09 1.16 14.68
CA VAL B 234 -21.28 0.36 15.88
C VAL B 234 -20.86 -1.08 15.66
N THR B 235 -21.19 -1.61 14.50
CA THR B 235 -20.88 -3.01 14.22
C THR B 235 -19.48 -3.28 13.69
N SER B 236 -18.88 -2.27 13.06
CA SER B 236 -17.61 -2.49 12.38
C SER B 236 -16.58 -1.40 12.50
N ASN B 237 -16.50 -0.75 13.66
CA ASN B 237 -15.55 0.35 13.81
C ASN B 237 -15.18 0.58 15.26
N ILE B 238 -16.10 1.16 16.04
CA ILE B 238 -15.80 1.47 17.45
C ILE B 238 -15.33 0.22 18.20
N ALA B 239 -14.22 0.37 18.89
CA ALA B 239 -13.59 -0.76 19.59
C ALA B 239 -13.53 -0.72 21.11
N LEU B 240 -13.91 0.42 21.70
CA LEU B 240 -13.91 0.61 23.15
C LEU B 240 -15.01 1.61 23.46
N LEU B 241 -15.72 1.40 24.56
CA LEU B 241 -16.79 2.32 24.95
C LEU B 241 -16.45 2.98 26.28
N LEU B 242 -16.54 4.31 26.32
CA LEU B 242 -16.34 5.06 27.55
C LEU B 242 -17.56 4.73 28.44
N ASN B 243 -17.32 4.35 29.70
CA ASN B 243 -18.43 4.03 30.59
C ASN B 243 -19.34 5.24 30.80
N ARG B 244 -20.66 5.01 30.74
CA ARG B 244 -21.66 6.07 30.93
C ARG B 244 -21.48 6.80 32.27
N ASN B 245 -20.92 6.10 33.27
CA ASN B 245 -20.68 6.71 34.58
C ASN B 245 -19.62 7.82 34.49
N ASN B 246 -18.90 7.85 33.37
CA ASN B 246 -17.87 8.85 33.12
C ASN B 246 -18.27 9.84 32.02
N ILE B 247 -19.55 9.84 31.67
CA ILE B 247 -20.06 10.74 30.64
C ILE B 247 -21.10 11.65 31.30
N ALA B 248 -20.94 12.96 31.15
CA ALA B 248 -21.88 13.92 31.73
C ALA B 248 -23.25 13.83 31.01
#